data_3LKQ
#
_entry.id   3LKQ
#
_cell.length_a   51.330
_cell.length_b   81.990
_cell.length_c   110.420
_cell.angle_alpha   90.000
_cell.angle_beta   90.000
_cell.angle_gamma   90.000
#
_symmetry.space_group_name_H-M   'P 21 21 21'
#
loop_
_entity.id
_entity.type
_entity.pdbx_description
1 polymer 'HLA class I histocompatibility antigen, B-35 alpha chain'
2 polymer Beta-2-microglobulin
3 polymer 'NP418 epitope from 1977 influenza strain'
4 water water
#
loop_
_entity_poly.entity_id
_entity_poly.type
_entity_poly.pdbx_seq_one_letter_code
_entity_poly.pdbx_strand_id
1 'polypeptide(L)'
;GSHSMRYFYTAMSRPGRGEPRFIAVGYVDDTQFVRFDSDAASPRTEPRAPWIEQEGPEYWDRNTQIFKTNTQTYRESLRN
LRGYYNQSEAGSHIIQRMYGCDLGPDGRLLRGHDQSAYDGKDYIALNEDLSSWTAADTAAQITQRKWEAARVAEQLRAYL
EGLCVEWLRRYLENGKETLQRADPPKTHVTHHPVSDHEATLRCWALGFYPAEITLTWQRDGEDQTQDTELVETRPAGDRT
FQKWAAVVVPSGEEQRYTCHVQHEGLPKPLTLRWEP
;
A
2 'polypeptide(L)'
;MIQRTPKIQVYSRHPAENGKSNFLNCYVSGFHPSDIEVDLLKNGERIEKVEHSDLSFSKDWSFYLLYYTEFTPTEKDEYA
CRVNHVTLSQPKIVKWDRDM
;
B
3 'polypeptide(L)' LPFDKTTIM C
#
# COMPACT_ATOMS: atom_id res chain seq x y z
N GLY A 1 0.55 18.94 -6.78
CA GLY A 1 0.41 18.99 -8.27
C GLY A 1 0.97 17.77 -9.00
N SER A 2 1.80 16.97 -8.33
N SER A 2 1.79 16.99 -8.29
CA SER A 2 2.45 15.79 -8.98
CA SER A 2 2.43 15.79 -8.82
C SER A 2 1.74 14.46 -8.73
C SER A 2 1.43 14.64 -8.79
N HIS A 3 1.41 13.78 -9.82
CA HIS A 3 0.50 12.65 -9.82
C HIS A 3 1.08 11.40 -10.49
N SER A 4 0.53 10.24 -10.11
CA SER A 4 0.99 8.99 -10.68
C SER A 4 -0.16 8.00 -10.75
N MET A 5 -0.05 7.04 -11.66
CA MET A 5 -0.94 5.89 -11.70
C MET A 5 -0.08 4.64 -11.59
N ARG A 6 -0.53 3.65 -10.82
CA ARG A 6 0.16 2.38 -10.77
C ARG A 6 -0.83 1.24 -10.80
N TYR A 7 -0.42 0.13 -11.40
CA TYR A 7 -1.10 -1.14 -11.20
C TYR A 7 -0.16 -2.07 -10.43
N PHE A 8 -0.75 -2.84 -9.51
CA PHE A 8 -0.05 -3.80 -8.67
C PHE A 8 -0.68 -5.16 -8.89
N TYR A 9 0.13 -6.09 -9.42
CA TYR A 9 -0.30 -7.46 -9.64
C TYR A 9 0.41 -8.36 -8.67
N THR A 10 -0.37 -9.27 -8.08
CA THR A 10 0.18 -10.34 -7.24
C THR A 10 -0.37 -11.68 -7.77
N ALA A 11 0.55 -12.56 -8.15
CA ALA A 11 0.24 -13.93 -8.57
C ALA A 11 0.87 -14.92 -7.61
N MET A 12 0.06 -15.80 -7.03
CA MET A 12 0.56 -16.63 -5.93
C MET A 12 0.15 -18.08 -6.13
N SER A 13 1.12 -18.98 -6.32
CA SER A 13 0.78 -20.40 -6.41
C SER A 13 0.48 -20.97 -5.02
N ARG A 14 -0.21 -22.11 -4.98
CA ARG A 14 -0.58 -22.71 -3.71
C ARG A 14 -0.81 -24.21 -3.97
N PRO A 15 0.29 -24.96 -4.09
CA PRO A 15 0.22 -26.38 -4.45
C PRO A 15 -0.73 -27.15 -3.54
N GLY A 16 -1.63 -27.90 -4.13
CA GLY A 16 -2.60 -28.68 -3.32
C GLY A 16 -3.86 -27.93 -2.98
N ARG A 17 -3.90 -26.64 -3.31
CA ARG A 17 -5.05 -25.80 -2.99
C ARG A 17 -5.56 -25.07 -4.23
N GLY A 18 -5.48 -25.73 -5.38
CA GLY A 18 -6.03 -25.16 -6.60
C GLY A 18 -5.00 -24.37 -7.42
N GLU A 19 -5.49 -23.62 -8.41
CA GLU A 19 -4.59 -22.91 -9.31
C GLU A 19 -4.14 -21.57 -8.67
N PRO A 20 -3.07 -20.97 -9.18
CA PRO A 20 -2.55 -19.74 -8.59
C PRO A 20 -3.56 -18.61 -8.62
N ARG A 21 -3.65 -17.86 -7.53
CA ARG A 21 -4.53 -16.71 -7.46
C ARG A 21 -3.83 -15.54 -8.18
N PHE A 22 -4.60 -14.81 -8.97
CA PHE A 22 -4.15 -13.54 -9.51
C PHE A 22 -5.03 -12.37 -9.02
N ILE A 23 -4.44 -11.36 -8.41
N ILE A 23 -4.38 -11.37 -8.43
CA ILE A 23 -5.19 -10.15 -8.05
CA ILE A 23 -5.01 -10.12 -8.03
C ILE A 23 -4.46 -8.90 -8.54
C ILE A 23 -4.39 -8.97 -8.80
N ALA A 24 -5.21 -8.00 -9.16
CA ALA A 24 -4.69 -6.73 -9.69
C ALA A 24 -5.44 -5.62 -8.98
N VAL A 25 -4.72 -4.56 -8.56
CA VAL A 25 -5.36 -3.35 -8.07
C VAL A 25 -4.75 -2.16 -8.80
N GLY A 26 -5.55 -1.11 -8.97
CA GLY A 26 -5.09 0.11 -9.66
C GLY A 26 -5.21 1.27 -8.71
N TYR A 27 -4.20 2.15 -8.73
CA TYR A 27 -4.14 3.36 -7.90
C TYR A 27 -3.87 4.58 -8.75
N VAL A 28 -4.52 5.69 -8.40
CA VAL A 28 -4.02 7.04 -8.75
C VAL A 28 -3.50 7.63 -7.44
N ASP A 29 -2.21 7.96 -7.39
CA ASP A 29 -1.63 8.42 -6.11
C ASP A 29 -1.97 7.45 -4.97
N ASP A 30 -2.55 7.95 -3.87
CA ASP A 30 -2.90 7.09 -2.75
C ASP A 30 -4.33 6.61 -2.74
N THR A 31 -5.00 6.68 -3.90
CA THR A 31 -6.39 6.29 -3.99
C THR A 31 -6.51 5.07 -4.88
N GLN A 32 -6.93 3.96 -4.31
CA GLN A 32 -7.25 2.79 -5.10
C GLN A 32 -8.53 3.01 -5.90
N PHE A 33 -8.57 2.57 -7.15
CA PHE A 33 -9.79 2.78 -7.92
C PHE A 33 -10.38 1.54 -8.60
N VAL A 34 -9.61 0.45 -8.67
N VAL A 34 -9.58 0.48 -8.78
CA VAL A 34 -10.09 -0.76 -9.31
CA VAL A 34 -10.08 -0.80 -9.34
C VAL A 34 -9.47 -2.01 -8.70
C VAL A 34 -9.50 -2.00 -8.62
N ARG A 35 -10.21 -3.13 -8.74
CA ARG A 35 -9.64 -4.43 -8.34
C ARG A 35 -10.15 -5.52 -9.28
N PHE A 36 -9.36 -6.59 -9.39
CA PHE A 36 -9.79 -7.83 -10.06
C PHE A 36 -9.19 -8.97 -9.27
N ASP A 37 -9.98 -10.01 -9.02
CA ASP A 37 -9.50 -11.13 -8.20
C ASP A 37 -9.97 -12.43 -8.86
N SER A 38 -9.03 -13.25 -9.31
CA SER A 38 -9.36 -14.54 -9.92
C SER A 38 -10.11 -15.48 -8.95
N ASP A 39 -9.98 -15.23 -7.66
CA ASP A 39 -10.70 -16.02 -6.66
C ASP A 39 -12.14 -15.61 -6.38
N ALA A 40 -12.56 -14.45 -6.87
CA ALA A 40 -13.91 -13.99 -6.59
C ALA A 40 -14.93 -14.95 -7.22
N ALA A 41 -16.10 -15.07 -6.61
CA ALA A 41 -17.14 -15.99 -7.10
C ALA A 41 -17.37 -15.83 -8.62
N SER A 42 -17.47 -14.58 -9.08
N SER A 42 -17.46 -14.57 -9.05
CA SER A 42 -17.55 -14.28 -10.50
CA SER A 42 -17.55 -14.21 -10.45
C SER A 42 -16.51 -13.20 -10.84
C SER A 42 -16.46 -13.17 -10.75
N PRO A 43 -15.28 -13.62 -11.21
CA PRO A 43 -14.18 -12.67 -11.45
C PRO A 43 -14.44 -11.61 -12.54
N ARG A 44 -14.42 -10.36 -12.11
CA ARG A 44 -14.60 -9.23 -13.00
C ARG A 44 -13.91 -8.05 -12.36
N THR A 45 -13.52 -7.10 -13.20
CA THR A 45 -12.94 -5.86 -12.71
C THR A 45 -14.05 -5.06 -12.03
N GLU A 46 -13.79 -4.58 -10.82
CA GLU A 46 -14.81 -3.86 -10.07
C GLU A 46 -14.32 -2.47 -9.68
N PRO A 47 -15.23 -1.47 -9.61
CA PRO A 47 -14.82 -0.11 -9.20
C PRO A 47 -14.58 -0.05 -7.71
N ARG A 48 -13.59 0.74 -7.29
CA ARG A 48 -13.25 0.90 -5.89
C ARG A 48 -13.16 2.39 -5.49
N ALA A 49 -13.49 3.28 -6.42
CA ALA A 49 -13.61 4.70 -6.13
C ALA A 49 -14.80 5.29 -6.92
N PRO A 50 -15.54 6.23 -6.32
CA PRO A 50 -16.77 6.78 -6.94
C PRO A 50 -16.58 7.32 -8.37
N TRP A 51 -15.49 8.05 -8.59
CA TRP A 51 -15.22 8.68 -9.88
C TRP A 51 -14.94 7.72 -11.06
N ILE A 52 -14.63 6.45 -10.77
CA ILE A 52 -14.42 5.49 -11.84
C ILE A 52 -15.76 4.87 -12.27
N GLU A 53 -16.78 5.00 -11.44
CA GLU A 53 -18.05 4.33 -11.75
C GLU A 53 -18.70 4.79 -13.06
N GLN A 54 -18.40 6.03 -13.47
CA GLN A 54 -18.97 6.60 -14.71
C GLN A 54 -18.44 5.97 -15.98
N GLU A 55 -17.40 5.14 -15.88
CA GLU A 55 -16.90 4.45 -17.06
C GLU A 55 -17.95 3.44 -17.51
N GLY A 56 -18.13 3.33 -18.83
CA GLY A 56 -19.17 2.48 -19.42
C GLY A 56 -18.75 1.03 -19.51
N PRO A 57 -19.73 0.13 -19.78
CA PRO A 57 -19.52 -1.33 -19.83
C PRO A 57 -18.36 -1.79 -20.72
N GLU A 58 -18.06 -1.01 -21.76
N GLU A 58 -18.07 -1.05 -21.78
CA GLU A 58 -16.92 -1.29 -22.65
CA GLU A 58 -16.90 -1.36 -22.62
C GLU A 58 -15.53 -1.07 -21.99
C GLU A 58 -15.59 -1.27 -21.81
N TYR A 59 -15.49 -0.27 -20.94
CA TYR A 59 -14.28 -0.07 -20.13
C TYR A 59 -14.13 -1.30 -19.24
N TRP A 60 -15.21 -1.64 -18.52
CA TRP A 60 -15.21 -2.78 -17.59
C TRP A 60 -14.87 -4.10 -18.27
N ASP A 61 -15.47 -4.35 -19.42
CA ASP A 61 -15.17 -5.55 -20.19
C ASP A 61 -13.74 -5.61 -20.70
N ARG A 62 -13.21 -4.46 -21.12
CA ARG A 62 -11.84 -4.38 -21.61
C ARG A 62 -10.83 -4.73 -20.49
N ASN A 63 -11.07 -4.18 -19.31
CA ASN A 63 -10.24 -4.47 -18.14
C ASN A 63 -10.34 -5.94 -17.81
N THR A 64 -11.57 -6.42 -17.79
CA THR A 64 -11.81 -7.79 -17.38
C THR A 64 -11.13 -8.77 -18.35
N GLN A 65 -11.18 -8.46 -19.65
N GLN A 65 -11.15 -8.48 -19.65
CA GLN A 65 -10.47 -9.25 -20.66
CA GLN A 65 -10.47 -9.34 -20.62
C GLN A 65 -8.98 -9.33 -20.33
C GLN A 65 -8.93 -9.33 -20.44
N ILE A 66 -8.37 -8.17 -20.10
CA ILE A 66 -6.94 -8.04 -19.84
C ILE A 66 -6.53 -8.84 -18.60
N PHE A 67 -7.28 -8.68 -17.50
CA PHE A 67 -6.90 -9.35 -16.26
C PHE A 67 -7.16 -10.85 -16.35
N LYS A 68 -8.18 -11.28 -17.10
CA LYS A 68 -8.38 -12.72 -17.31
C LYS A 68 -7.22 -13.35 -18.08
N THR A 69 -6.75 -12.65 -19.11
CA THR A 69 -5.61 -13.09 -19.86
C THR A 69 -4.38 -13.13 -18.95
N ASN A 70 -4.19 -12.09 -18.13
N ASN A 70 -4.20 -12.11 -18.11
CA ASN A 70 -3.08 -12.04 -17.16
CA ASN A 70 -3.08 -12.09 -17.16
C ASN A 70 -3.12 -13.22 -16.16
C ASN A 70 -3.12 -13.24 -16.17
N THR A 71 -4.32 -13.61 -15.73
CA THR A 71 -4.47 -14.75 -14.81
C THR A 71 -3.80 -15.97 -15.42
N GLN A 72 -4.13 -16.25 -16.68
CA GLN A 72 -3.56 -17.43 -17.36
C GLN A 72 -2.06 -17.29 -17.61
N THR A 73 -1.65 -16.12 -18.11
CA THR A 73 -0.23 -15.83 -18.35
C THR A 73 0.63 -15.97 -17.09
N TYR A 74 0.17 -15.42 -15.98
CA TYR A 74 0.91 -15.55 -14.73
C TYR A 74 1.00 -16.97 -14.22
N ARG A 75 -0.01 -17.79 -14.48
CA ARG A 75 0.07 -19.20 -14.09
C ARG A 75 1.23 -19.89 -14.86
N GLU A 76 1.39 -19.54 -16.14
N GLU A 76 1.39 -19.56 -16.14
CA GLU A 76 2.48 -20.07 -16.91
CA GLU A 76 2.53 -20.11 -16.88
C GLU A 76 3.83 -19.53 -16.43
C GLU A 76 3.85 -19.54 -16.40
N SER A 77 3.88 -18.24 -16.11
CA SER A 77 5.09 -17.60 -15.60
C SER A 77 5.53 -18.24 -14.28
N LEU A 78 4.57 -18.54 -13.40
CA LEU A 78 4.95 -19.23 -12.15
C LEU A 78 5.58 -20.60 -12.42
N ARG A 79 5.00 -21.35 -13.35
CA ARG A 79 5.57 -22.66 -13.69
C ARG A 79 6.98 -22.47 -14.22
N ASN A 80 7.14 -21.48 -15.10
CA ASN A 80 8.44 -21.25 -15.74
C ASN A 80 9.48 -20.86 -14.73
N LEU A 81 9.15 -19.93 -13.83
CA LEU A 81 10.14 -19.50 -12.82
C LEU A 81 10.50 -20.59 -11.81
N ARG A 82 9.53 -21.42 -11.43
N ARG A 82 9.53 -21.42 -11.44
CA ARG A 82 9.88 -22.58 -10.61
CA ARG A 82 9.81 -22.60 -10.62
C ARG A 82 10.98 -23.39 -11.29
C ARG A 82 10.93 -23.41 -11.29
N GLY A 83 10.81 -23.62 -12.60
CA GLY A 83 11.82 -24.35 -13.38
C GLY A 83 13.16 -23.63 -13.43
N TYR A 84 13.12 -22.31 -13.61
CA TYR A 84 14.39 -21.56 -13.70
C TYR A 84 15.24 -21.68 -12.46
N TYR A 85 14.56 -21.90 -11.32
CA TYR A 85 15.26 -21.96 -10.04
C TYR A 85 15.38 -23.39 -9.51
N ASN A 86 15.04 -24.38 -10.34
CA ASN A 86 15.13 -25.79 -9.92
C ASN A 86 14.34 -26.09 -8.64
N GLN A 87 13.20 -25.42 -8.50
CA GLN A 87 12.39 -25.56 -7.31
C GLN A 87 11.41 -26.72 -7.45
N SER A 88 11.10 -27.33 -6.32
CA SER A 88 10.16 -28.44 -6.27
C SER A 88 8.73 -27.95 -6.45
N GLU A 89 7.84 -28.87 -6.80
CA GLU A 89 6.43 -28.52 -6.95
C GLU A 89 5.73 -28.28 -5.61
N ALA A 90 6.46 -28.40 -4.49
CA ALA A 90 5.83 -28.37 -3.16
C ALA A 90 5.53 -27.00 -2.60
N GLY A 91 6.40 -26.03 -2.89
CA GLY A 91 6.31 -24.71 -2.24
C GLY A 91 5.42 -23.71 -2.96
N SER A 92 4.91 -22.76 -2.18
N SER A 92 4.95 -22.72 -2.19
CA SER A 92 4.17 -21.61 -2.70
CA SER A 92 4.15 -21.63 -2.72
C SER A 92 5.19 -20.56 -3.15
C SER A 92 5.08 -20.46 -3.07
N HIS A 93 4.91 -19.90 -4.27
CA HIS A 93 5.75 -18.80 -4.76
C HIS A 93 4.89 -17.64 -5.24
N ILE A 94 5.49 -16.46 -5.27
CA ILE A 94 4.76 -15.24 -5.63
C ILE A 94 5.50 -14.48 -6.72
N ILE A 95 4.81 -14.12 -7.81
CA ILE A 95 5.32 -13.08 -8.72
C ILE A 95 4.56 -11.80 -8.44
N GLN A 96 5.28 -10.67 -8.36
CA GLN A 96 4.64 -9.39 -8.20
C GLN A 96 5.09 -8.50 -9.30
N ARG A 97 4.20 -7.60 -9.71
N ARG A 97 4.20 -7.62 -9.76
CA ARG A 97 4.50 -6.63 -10.76
CA ARG A 97 4.53 -6.62 -10.77
C ARG A 97 3.90 -5.29 -10.37
C ARG A 97 3.91 -5.29 -10.37
N MET A 98 4.67 -4.21 -10.50
CA MET A 98 4.11 -2.86 -10.32
C MET A 98 4.59 -2.02 -11.50
N TYR A 99 3.67 -1.31 -12.17
CA TYR A 99 4.05 -0.51 -13.33
C TYR A 99 3.13 0.72 -13.41
N GLY A 100 3.55 1.73 -14.17
CA GLY A 100 2.72 2.90 -14.32
C GLY A 100 3.54 4.14 -14.61
N CYS A 101 2.90 5.29 -14.53
CA CYS A 101 3.50 6.50 -15.05
C CYS A 101 3.43 7.61 -14.02
N ASP A 102 4.46 8.46 -14.01
CA ASP A 102 4.49 9.64 -13.17
C ASP A 102 4.32 10.90 -14.03
N LEU A 103 3.47 11.82 -13.60
CA LEU A 103 3.32 13.13 -14.21
C LEU A 103 3.94 14.20 -13.31
N GLY A 104 4.52 15.24 -13.89
CA GLY A 104 4.98 16.40 -13.08
C GLY A 104 3.80 17.35 -12.86
N PRO A 105 4.02 18.50 -12.16
CA PRO A 105 2.90 19.45 -11.91
C PRO A 105 2.28 20.09 -13.18
N ASP A 106 2.96 20.02 -14.31
N ASP A 106 2.99 19.99 -14.29
CA ASP A 106 2.39 20.58 -15.56
CA ASP A 106 2.57 20.50 -15.60
C ASP A 106 1.52 19.57 -16.30
C ASP A 106 1.87 19.43 -16.43
N GLY A 107 1.47 18.33 -15.78
CA GLY A 107 0.79 17.23 -16.45
C GLY A 107 1.61 16.41 -17.45
N ARG A 108 2.91 16.69 -17.58
CA ARG A 108 3.78 15.98 -18.52
C ARG A 108 4.40 14.73 -17.87
N LEU A 109 4.65 13.70 -18.70
CA LEU A 109 5.30 12.45 -18.24
C LEU A 109 6.71 12.70 -17.71
N LEU A 110 6.90 12.47 -16.41
CA LEU A 110 8.19 12.58 -15.79
C LEU A 110 8.96 11.31 -16.07
N ARG A 111 8.30 10.16 -15.91
CA ARG A 111 8.95 8.88 -16.08
C ARG A 111 8.00 7.70 -15.94
N GLY A 112 8.42 6.58 -16.48
CA GLY A 112 7.60 5.38 -16.44
C GLY A 112 8.32 4.30 -15.68
N HIS A 113 7.55 3.30 -15.25
CA HIS A 113 8.05 2.26 -14.36
C HIS A 113 7.43 0.95 -14.80
N ASP A 114 8.21 -0.13 -14.75
N ASP A 114 8.24 -0.10 -14.75
CA ASP A 114 7.67 -1.50 -14.83
CA ASP A 114 7.76 -1.46 -14.82
C ASP A 114 8.61 -2.58 -14.26
C ASP A 114 8.77 -2.32 -14.08
N GLN A 115 8.33 -2.97 -13.01
CA GLN A 115 9.25 -3.83 -12.25
C GLN A 115 8.53 -5.08 -11.82
N SER A 116 9.24 -6.21 -11.88
CA SER A 116 8.70 -7.48 -11.38
C SER A 116 9.63 -8.08 -10.33
N ALA A 117 9.07 -8.91 -9.45
CA ALA A 117 9.80 -9.52 -8.37
C ALA A 117 9.36 -10.97 -8.23
N TYR A 118 10.21 -11.81 -7.62
CA TYR A 118 9.85 -13.22 -7.42
C TYR A 118 10.20 -13.55 -5.99
N ASP A 119 9.23 -14.10 -5.27
CA ASP A 119 9.32 -14.26 -3.80
C ASP A 119 9.89 -13.03 -3.08
N GLY A 120 9.52 -11.85 -3.54
CA GLY A 120 9.83 -10.61 -2.81
C GLY A 120 11.19 -10.01 -3.13
N LYS A 121 11.89 -10.61 -4.10
CA LYS A 121 13.22 -10.16 -4.54
C LYS A 121 13.12 -9.62 -5.94
N ASP A 122 13.81 -8.50 -6.20
CA ASP A 122 13.84 -7.94 -7.55
C ASP A 122 14.17 -9.02 -8.56
N TYR A 123 13.44 -9.06 -9.66
CA TYR A 123 13.66 -10.08 -10.65
C TYR A 123 13.98 -9.48 -12.02
N ILE A 124 13.07 -8.66 -12.56
CA ILE A 124 13.38 -7.93 -13.78
C ILE A 124 12.72 -6.54 -13.73
N ALA A 125 13.41 -5.50 -14.19
CA ALA A 125 12.82 -4.15 -14.28
C ALA A 125 13.14 -3.47 -15.61
N LEU A 126 12.17 -2.72 -16.13
CA LEU A 126 12.42 -1.82 -17.25
C LEU A 126 13.22 -0.62 -16.79
N ASN A 127 14.30 -0.35 -17.52
CA ASN A 127 15.15 0.79 -17.18
C ASN A 127 14.41 2.09 -17.49
N GLU A 128 14.92 3.18 -16.93
CA GLU A 128 14.26 4.48 -17.07
C GLU A 128 14.15 4.91 -18.54
N ASP A 129 15.08 4.45 -19.39
CA ASP A 129 15.02 4.71 -20.82
C ASP A 129 13.83 4.06 -21.53
N LEU A 130 13.08 3.21 -20.81
CA LEU A 130 11.96 2.46 -21.37
C LEU A 130 12.30 1.62 -22.62
N SER A 131 13.57 1.23 -22.77
N SER A 131 13.56 1.23 -22.77
CA SER A 131 14.07 0.54 -23.96
CA SER A 131 13.96 0.44 -23.93
C SER A 131 14.99 -0.64 -23.66
C SER A 131 14.73 -0.82 -23.57
N SER A 132 15.36 -0.82 -22.39
CA SER A 132 16.23 -1.93 -21.99
C SER A 132 15.83 -2.45 -20.61
N TRP A 133 16.33 -3.65 -20.30
CA TRP A 133 15.93 -4.33 -19.07
C TRP A 133 17.11 -4.49 -18.12
N THR A 134 16.84 -4.53 -16.82
CA THR A 134 17.79 -4.98 -15.83
C THR A 134 17.32 -6.29 -15.21
N ALA A 135 18.04 -7.36 -15.49
CA ALA A 135 17.69 -8.69 -14.96
C ALA A 135 18.58 -9.02 -13.77
N ALA A 136 17.97 -9.46 -12.66
CA ALA A 136 18.68 -9.68 -11.40
C ALA A 136 19.65 -10.87 -11.39
N ASP A 137 19.39 -11.90 -12.19
CA ASP A 137 20.17 -13.15 -12.16
C ASP A 137 20.01 -13.93 -13.46
N THR A 138 20.57 -15.15 -13.52
CA THR A 138 20.54 -15.94 -14.75
C THR A 138 19.16 -16.43 -15.12
N ALA A 139 18.30 -16.64 -14.12
CA ALA A 139 16.90 -16.97 -14.42
C ALA A 139 16.22 -15.78 -15.10
N ALA A 140 16.32 -14.61 -14.50
CA ALA A 140 15.70 -13.41 -15.09
C ALA A 140 16.23 -13.10 -16.51
N GLN A 141 17.46 -13.52 -16.80
CA GLN A 141 18.02 -13.32 -18.14
C GLN A 141 17.22 -14.09 -19.19
N ILE A 142 16.62 -15.22 -18.79
CA ILE A 142 15.76 -16.01 -19.70
C ILE A 142 14.49 -15.26 -20.04
N THR A 143 13.80 -14.74 -19.01
CA THR A 143 12.65 -13.85 -19.23
C THR A 143 13.03 -12.65 -20.10
N GLN A 144 14.20 -12.06 -19.81
CA GLN A 144 14.66 -10.91 -20.61
C GLN A 144 14.71 -11.25 -22.11
N ARG A 145 15.29 -12.41 -22.45
N ARG A 145 15.28 -12.41 -22.46
CA ARG A 145 15.37 -12.84 -23.85
CA ARG A 145 15.35 -12.83 -23.87
C ARG A 145 13.97 -13.03 -24.45
C ARG A 145 13.96 -13.03 -24.46
N LYS A 146 13.07 -13.66 -23.69
CA LYS A 146 11.70 -13.84 -24.13
C LYS A 146 11.01 -12.50 -24.41
N TRP A 147 11.24 -11.53 -23.53
CA TRP A 147 10.58 -10.23 -23.62
C TRP A 147 11.12 -9.36 -24.76
N GLU A 148 12.41 -9.50 -25.03
CA GLU A 148 13.00 -8.87 -26.21
C GLU A 148 12.43 -9.44 -27.51
N ALA A 149 12.17 -10.75 -27.53
CA ALA A 149 11.64 -11.41 -28.72
C ALA A 149 10.21 -10.93 -28.99
N ALA A 150 9.45 -10.71 -27.93
CA ALA A 150 8.07 -10.27 -28.04
C ALA A 150 7.98 -8.74 -28.20
N ARG A 151 9.12 -8.06 -28.25
CA ARG A 151 9.21 -6.59 -28.30
C ARG A 151 8.42 -5.93 -27.16
N VAL A 152 8.53 -6.50 -25.97
CA VAL A 152 7.79 -5.97 -24.80
C VAL A 152 8.15 -4.53 -24.45
N ALA A 153 9.45 -4.21 -24.43
CA ALA A 153 9.86 -2.88 -23.98
C ALA A 153 9.24 -1.79 -24.87
N GLU A 154 9.21 -2.06 -26.18
CA GLU A 154 8.66 -1.11 -27.14
C GLU A 154 7.16 -0.91 -26.94
N GLN A 155 6.46 -1.99 -26.57
CA GLN A 155 5.04 -1.93 -26.35
C GLN A 155 4.76 -1.15 -25.06
N LEU A 156 5.55 -1.42 -24.03
CA LEU A 156 5.42 -0.72 -22.74
C LEU A 156 5.73 0.75 -22.90
N ARG A 157 6.83 1.05 -23.60
CA ARG A 157 7.13 2.46 -23.86
C ARG A 157 5.91 3.15 -24.47
N ALA A 158 5.32 2.57 -25.52
CA ALA A 158 4.13 3.19 -26.17
C ALA A 158 2.96 3.38 -25.18
N TYR A 159 2.73 2.37 -24.33
CA TYR A 159 1.69 2.45 -23.31
C TYR A 159 1.99 3.54 -22.27
N LEU A 160 3.22 3.52 -21.75
CA LEU A 160 3.59 4.44 -20.67
C LEU A 160 3.59 5.89 -21.14
N GLU A 161 4.05 6.14 -22.37
CA GLU A 161 4.05 7.49 -22.93
C GLU A 161 2.68 7.92 -23.50
N GLY A 162 1.81 6.97 -23.75
CA GLY A 162 0.55 7.21 -24.43
C GLY A 162 -0.65 6.96 -23.52
N LEU A 163 -1.22 5.75 -23.60
CA LEU A 163 -2.45 5.42 -22.89
C LEU A 163 -2.39 5.64 -21.36
N CYS A 164 -1.25 5.32 -20.76
CA CYS A 164 -1.09 5.47 -19.30
C CYS A 164 -1.31 6.92 -18.88
N VAL A 165 -0.59 7.82 -19.54
CA VAL A 165 -0.70 9.25 -19.31
C VAL A 165 -2.09 9.81 -19.63
N GLU A 166 -2.66 9.40 -20.76
N GLU A 166 -2.65 9.41 -20.77
CA GLU A 166 -3.98 9.87 -21.16
CA GLU A 166 -3.99 9.85 -21.17
C GLU A 166 -5.06 9.46 -20.15
C GLU A 166 -5.08 9.46 -20.18
N TRP A 167 -5.06 8.20 -19.74
CA TRP A 167 -6.05 7.72 -18.77
C TRP A 167 -5.84 8.32 -17.39
N LEU A 168 -4.58 8.44 -16.94
CA LEU A 168 -4.29 9.17 -15.69
C LEU A 168 -4.89 10.58 -15.69
N ARG A 169 -4.68 11.32 -16.78
N ARG A 169 -4.69 11.32 -16.78
CA ARG A 169 -5.24 12.65 -16.94
CA ARG A 169 -5.24 12.67 -16.87
C ARG A 169 -6.76 12.67 -16.84
C ARG A 169 -6.78 12.70 -16.88
N ARG A 170 -7.40 11.72 -17.52
CA ARG A 170 -8.84 11.56 -17.47
C ARG A 170 -9.31 11.30 -16.04
N TYR A 171 -8.68 10.35 -15.36
CA TYR A 171 -9.05 10.05 -13.98
C TYR A 171 -8.87 11.29 -13.10
N LEU A 172 -7.77 12.01 -13.27
CA LEU A 172 -7.50 13.22 -12.46
C LEU A 172 -8.60 14.27 -12.65
N GLU A 173 -9.10 14.41 -13.89
CA GLU A 173 -10.19 15.36 -14.15
C GLU A 173 -11.52 14.84 -13.56
N ASN A 174 -11.83 13.58 -13.79
CA ASN A 174 -13.09 13.00 -13.32
C ASN A 174 -13.16 12.97 -11.80
N GLY A 175 -12.03 12.72 -11.18
CA GLY A 175 -11.95 12.67 -9.73
C GLY A 175 -11.31 13.91 -9.10
N LYS A 176 -11.31 15.03 -9.82
CA LYS A 176 -10.59 16.25 -9.36
C LYS A 176 -10.99 16.73 -7.96
N GLU A 177 -12.26 16.52 -7.56
CA GLU A 177 -12.70 17.00 -6.25
C GLU A 177 -12.02 16.30 -5.05
N THR A 178 -11.50 15.09 -5.28
CA THR A 178 -10.80 14.35 -4.22
C THR A 178 -9.32 14.20 -4.61
N LEU A 179 -9.08 13.78 -5.85
CA LEU A 179 -7.70 13.44 -6.24
C LEU A 179 -6.80 14.68 -6.29
N GLN A 180 -7.38 15.84 -6.61
CA GLN A 180 -6.63 17.10 -6.68
C GLN A 180 -6.92 18.01 -5.48
N ARG A 181 -7.44 17.42 -4.41
CA ARG A 181 -7.67 18.14 -3.17
C ARG A 181 -6.74 17.61 -2.10
N ALA A 182 -5.88 18.48 -1.61
CA ALA A 182 -4.95 18.11 -0.55
C ALA A 182 -5.61 18.49 0.78
N ASP A 183 -5.86 17.50 1.64
CA ASP A 183 -6.44 17.78 2.96
C ASP A 183 -5.32 17.90 3.98
N PRO A 184 -5.24 19.07 4.63
CA PRO A 184 -4.13 19.27 5.54
C PRO A 184 -4.33 18.40 6.81
N PRO A 185 -3.22 18.11 7.55
CA PRO A 185 -3.35 17.35 8.79
C PRO A 185 -3.95 18.23 9.88
N LYS A 186 -4.79 17.64 10.70
CA LYS A 186 -5.16 18.25 11.98
C LYS A 186 -4.12 17.80 12.98
N THR A 187 -3.61 18.73 13.78
CA THR A 187 -2.46 18.40 14.63
C THR A 187 -2.68 18.77 16.08
N HIS A 188 -1.98 18.08 16.98
CA HIS A 188 -1.95 18.44 18.39
C HIS A 188 -0.79 17.70 19.04
N VAL A 189 -0.37 18.17 20.21
CA VAL A 189 0.74 17.55 20.92
C VAL A 189 0.21 17.05 22.27
N THR A 190 0.47 15.79 22.59
CA THR A 190 0.08 15.21 23.87
C THR A 190 1.31 15.00 24.75
N HIS A 191 1.09 14.93 26.06
CA HIS A 191 2.16 14.83 27.03
C HIS A 191 1.71 13.78 28.04
N HIS A 192 2.56 12.79 28.30
CA HIS A 192 2.26 11.75 29.29
C HIS A 192 3.53 11.44 30.09
N PRO A 193 3.51 11.67 31.43
CA PRO A 193 4.70 11.33 32.20
C PRO A 193 5.04 9.85 32.06
N VAL A 194 6.33 9.51 31.99
CA VAL A 194 6.75 8.10 32.02
C VAL A 194 7.35 7.72 33.37
N SER A 195 7.77 8.76 34.09
CA SER A 195 8.35 8.61 35.43
C SER A 195 8.47 10.01 36.01
N ASP A 196 9.13 10.14 37.15
CA ASP A 196 9.29 11.43 37.80
C ASP A 196 10.18 12.36 36.99
N HIS A 197 11.04 11.74 36.19
CA HIS A 197 12.20 12.39 35.57
C HIS A 197 11.95 12.68 34.08
N GLU A 198 11.02 11.93 33.46
CA GLU A 198 10.82 12.00 32.01
C GLU A 198 9.33 11.98 31.57
N ALA A 199 9.05 12.58 30.41
CA ALA A 199 7.70 12.58 29.85
C ALA A 199 7.76 12.33 28.33
N THR A 200 6.71 11.74 27.79
CA THR A 200 6.63 11.59 26.33
C THR A 200 5.86 12.74 25.73
N LEU A 201 6.46 13.41 24.74
CA LEU A 201 5.71 14.34 23.91
C LEU A 201 5.37 13.59 22.61
N ARG A 202 4.09 13.55 22.25
CA ARG A 202 3.64 12.91 20.99
C ARG A 202 2.96 13.91 20.07
N CYS A 203 3.53 14.08 18.88
CA CYS A 203 3.00 15.00 17.92
C CYS A 203 2.14 14.22 16.91
N TRP A 204 0.86 14.58 16.84
CA TRP A 204 -0.11 13.88 16.01
C TRP A 204 -0.45 14.64 14.74
N ALA A 205 -0.59 13.90 13.64
CA ALA A 205 -1.12 14.42 12.38
C ALA A 205 -2.27 13.48 11.93
N LEU A 206 -3.49 14.02 11.84
CA LEU A 206 -4.68 13.21 11.48
C LEU A 206 -5.47 13.81 10.33
N GLY A 207 -6.15 12.97 9.57
CA GLY A 207 -7.08 13.41 8.53
C GLY A 207 -6.47 13.99 7.26
N PHE A 208 -5.21 13.68 6.98
CA PHE A 208 -4.56 14.28 5.83
C PHE A 208 -4.57 13.41 4.55
N TYR A 209 -4.46 14.08 3.42
CA TYR A 209 -4.37 13.43 2.11
C TYR A 209 -3.64 14.39 1.18
N PRO A 210 -2.63 13.92 0.42
CA PRO A 210 -2.19 12.54 0.26
C PRO A 210 -1.35 12.07 1.45
N ALA A 211 -0.86 10.83 1.40
CA ALA A 211 -0.14 10.23 2.55
C ALA A 211 1.20 10.90 2.88
N GLU A 212 1.85 11.48 1.88
CA GLU A 212 3.14 12.13 2.08
C GLU A 212 3.12 13.25 3.14
N ILE A 213 4.00 13.13 4.14
CA ILE A 213 4.05 14.10 5.24
C ILE A 213 5.44 14.02 5.86
N THR A 214 5.87 15.12 6.46
CA THR A 214 7.07 15.12 7.29
C THR A 214 6.72 15.57 8.69
N LEU A 215 7.03 14.72 9.66
CA LEU A 215 6.88 15.01 11.10
C LEU A 215 8.24 14.82 11.76
N THR A 216 8.76 15.89 12.33
CA THR A 216 10.04 15.82 13.03
C THR A 216 9.88 16.47 14.41
N TRP A 217 10.72 16.07 15.36
CA TRP A 217 10.90 16.83 16.59
C TRP A 217 12.29 17.47 16.60
N GLN A 218 12.35 18.72 17.04
CA GLN A 218 13.61 19.44 17.26
C GLN A 218 13.75 19.77 18.74
N ARG A 219 14.97 19.66 19.25
CA ARG A 219 15.33 20.23 20.56
C ARG A 219 16.35 21.34 20.34
N ASP A 220 16.04 22.54 20.85
CA ASP A 220 16.85 23.74 20.62
C ASP A 220 17.12 23.99 19.12
N GLY A 221 16.17 23.59 18.26
CA GLY A 221 16.29 23.81 16.82
C GLY A 221 17.14 22.81 16.05
N GLU A 222 17.49 21.71 16.69
N GLU A 222 17.49 21.71 16.70
CA GLU A 222 18.23 20.64 16.02
CA GLU A 222 18.25 20.63 16.07
C GLU A 222 17.43 19.34 16.01
C GLU A 222 17.42 19.34 16.02
N ASP A 223 17.41 18.69 14.85
CA ASP A 223 16.63 17.46 14.65
C ASP A 223 16.99 16.34 15.62
N GLN A 224 15.97 15.62 16.06
CA GLN A 224 16.10 14.55 17.04
C GLN A 224 15.88 13.18 16.41
N THR A 225 16.53 12.98 15.27
CA THR A 225 16.34 11.81 14.41
C THR A 225 16.48 10.49 15.16
N GLN A 226 17.59 10.31 15.85
CA GLN A 226 17.83 9.06 16.55
C GLN A 226 16.92 8.85 17.77
N ASP A 227 16.37 9.92 18.32
CA ASP A 227 15.55 9.81 19.54
C ASP A 227 14.04 9.88 19.33
N THR A 228 13.63 10.05 18.07
CA THR A 228 12.21 10.14 17.75
C THR A 228 11.66 8.77 17.38
N GLU A 229 10.59 8.36 18.07
CA GLU A 229 9.85 7.19 17.63
C GLU A 229 8.80 7.63 16.61
N LEU A 230 8.90 7.07 15.40
CA LEU A 230 8.17 7.59 14.25
C LEU A 230 7.38 6.47 13.61
N VAL A 231 6.07 6.43 13.86
CA VAL A 231 5.19 5.36 13.42
C VAL A 231 4.93 5.45 11.90
N GLU A 232 4.73 4.31 11.24
N GLU A 232 4.72 4.32 11.24
CA GLU A 232 4.42 4.28 9.80
CA GLU A 232 4.46 4.33 9.81
C GLU A 232 3.11 5.03 9.55
C GLU A 232 3.11 4.99 9.51
N THR A 233 3.07 5.81 8.47
CA THR A 233 1.84 6.48 8.05
C THR A 233 0.81 5.40 7.80
N ARG A 234 -0.38 5.61 8.36
CA ARG A 234 -1.44 4.59 8.35
C ARG A 234 -2.78 5.12 7.84
N PRO A 235 -3.55 4.26 7.15
CA PRO A 235 -4.80 4.77 6.59
C PRO A 235 -5.89 4.82 7.67
N ALA A 236 -6.66 5.90 7.68
CA ALA A 236 -7.80 6.01 8.58
C ALA A 236 -9.00 5.20 8.12
N GLY A 237 -9.05 4.87 6.83
CA GLY A 237 -10.16 4.11 6.25
C GLY A 237 -11.21 4.97 5.54
N ASP A 238 -11.04 6.29 5.58
CA ASP A 238 -11.95 7.23 4.91
C ASP A 238 -11.22 8.05 3.83
N ARG A 239 -10.20 7.45 3.22
CA ARG A 239 -9.28 8.08 2.26
C ARG A 239 -8.13 8.81 2.94
N THR A 240 -8.28 9.22 4.21
CA THR A 240 -7.25 10.01 4.88
C THR A 240 -6.20 9.17 5.63
N PHE A 241 -5.12 9.83 6.03
CA PHE A 241 -4.01 9.13 6.70
C PHE A 241 -3.70 9.74 8.04
N GLN A 242 -2.96 8.97 8.84
CA GLN A 242 -2.60 9.37 10.21
C GLN A 242 -1.12 9.10 10.44
N LYS A 243 -0.47 9.90 11.29
CA LYS A 243 0.92 9.62 11.68
C LYS A 243 1.21 10.33 13.00
N TRP A 244 2.13 9.76 13.78
CA TRP A 244 2.65 10.47 14.95
C TRP A 244 4.15 10.26 15.12
N ALA A 245 4.77 11.20 15.86
CA ALA A 245 6.20 11.17 16.21
C ALA A 245 6.33 11.48 17.70
N ALA A 246 7.13 10.70 18.41
CA ALA A 246 7.28 10.92 19.86
C ALA A 246 8.74 10.98 20.32
N VAL A 247 8.99 11.86 21.29
CA VAL A 247 10.27 11.98 21.97
C VAL A 247 10.04 11.87 23.47
N VAL A 248 10.98 11.22 24.16
CA VAL A 248 10.97 11.19 25.62
C VAL A 248 11.94 12.27 26.09
N VAL A 249 11.40 13.21 26.86
CA VAL A 249 12.14 14.42 27.22
C VAL A 249 12.32 14.50 28.74
N PRO A 250 13.38 15.18 29.21
CA PRO A 250 13.48 15.42 30.66
C PRO A 250 12.44 16.40 31.15
N SER A 251 11.86 16.14 32.33
CA SER A 251 11.03 17.14 33.01
C SER A 251 11.93 18.27 33.55
N GLY A 252 11.56 19.54 33.38
CA GLY A 252 10.56 20.01 32.47
C GLY A 252 11.30 20.83 31.42
N GLU A 253 11.99 20.13 30.53
CA GLU A 253 12.66 20.75 29.39
C GLU A 253 11.73 20.82 28.17
N GLU A 254 10.43 20.65 28.41
CA GLU A 254 9.43 20.49 27.35
C GLU A 254 9.42 21.61 26.34
N GLN A 255 9.58 22.84 26.80
CA GLN A 255 9.55 23.99 25.88
C GLN A 255 10.77 24.09 24.96
N ARG A 256 11.77 23.24 25.17
CA ARG A 256 12.95 23.24 24.33
C ARG A 256 12.67 22.44 23.04
N TYR A 257 11.52 21.78 23.02
CA TYR A 257 11.13 20.85 21.96
C TYR A 257 10.03 21.42 21.06
N THR A 258 10.21 21.27 19.76
CA THR A 258 9.17 21.71 18.83
C THR A 258 8.94 20.62 17.80
N CYS A 259 7.66 20.42 17.49
CA CYS A 259 7.25 19.49 16.41
C CYS A 259 7.04 20.26 15.11
N HIS A 260 7.64 19.75 14.03
CA HIS A 260 7.51 20.43 12.74
C HIS A 260 6.75 19.57 11.75
N VAL A 261 5.78 20.19 11.07
CA VAL A 261 4.81 19.47 10.20
C VAL A 261 4.79 20.10 8.80
N GLN A 262 5.20 19.32 7.80
CA GLN A 262 5.07 19.70 6.39
C GLN A 262 4.11 18.78 5.63
N HIS A 263 3.21 19.39 4.85
CA HIS A 263 2.20 18.68 4.05
C HIS A 263 1.60 19.63 3.02
N GLU A 264 1.35 19.10 1.83
CA GLU A 264 0.81 19.86 0.72
C GLU A 264 -0.48 20.64 1.05
N GLY A 265 -1.32 20.11 1.93
CA GLY A 265 -2.61 20.73 2.27
C GLY A 265 -2.54 21.98 3.14
N LEU A 266 -1.36 22.24 3.70
CA LEU A 266 -1.20 23.35 4.62
C LEU A 266 -0.94 24.64 3.86
N PRO A 267 -1.62 25.74 4.26
CA PRO A 267 -1.22 27.06 3.74
C PRO A 267 0.27 27.33 4.07
N LYS A 268 0.68 27.04 5.30
CA LYS A 268 2.04 27.30 5.78
C LYS A 268 2.45 26.11 6.67
N PRO A 269 3.74 25.70 6.62
CA PRO A 269 4.24 24.66 7.55
C PRO A 269 3.95 25.02 9.01
N LEU A 270 3.84 24.01 9.87
CA LEU A 270 3.50 24.24 11.26
C LEU A 270 4.69 24.02 12.21
N THR A 271 4.74 24.85 13.24
CA THR A 271 5.60 24.61 14.39
C THR A 271 4.69 24.51 15.61
N LEU A 272 4.68 23.35 16.23
CA LEU A 272 3.84 23.12 17.41
C LEU A 272 4.72 22.80 18.61
N ARG A 273 4.20 23.12 19.77
CA ARG A 273 4.83 22.72 21.02
C ARG A 273 3.72 22.21 21.94
N TRP A 274 4.11 21.53 22.99
CA TRP A 274 3.16 21.16 24.02
C TRP A 274 2.60 22.42 24.67
N GLU A 275 1.28 22.46 24.79
CA GLU A 275 0.57 23.59 25.38
C GLU A 275 -0.12 23.10 26.64
N PRO A 276 0.56 23.22 27.79
CA PRO A 276 0.09 22.70 29.08
C PRO A 276 -1.40 22.96 29.28
N MET B 1 14.12 -19.19 1.53
CA MET B 1 13.20 -18.09 1.09
C MET B 1 13.21 -16.98 2.12
N ILE B 2 13.19 -15.74 1.65
CA ILE B 2 13.23 -14.60 2.57
C ILE B 2 11.82 -14.16 2.95
N GLN B 3 11.55 -14.21 4.25
CA GLN B 3 10.24 -13.86 4.78
C GLN B 3 10.34 -12.61 5.65
N ARG B 4 9.25 -11.84 5.69
CA ARG B 4 9.23 -10.61 6.47
C ARG B 4 8.01 -10.59 7.40
N THR B 5 8.23 -10.33 8.69
CA THR B 5 7.16 -10.36 9.68
C THR B 5 6.31 -9.07 9.67
N PRO B 6 5.00 -9.17 9.92
CA PRO B 6 4.20 -7.95 9.82
C PRO B 6 4.46 -6.94 10.93
N LYS B 7 4.44 -5.67 10.55
CA LYS B 7 4.25 -4.58 11.50
C LYS B 7 2.75 -4.51 11.75
N ILE B 8 2.34 -4.13 12.96
CA ILE B 8 0.92 -4.14 13.32
C ILE B 8 0.61 -2.84 14.07
N GLN B 9 -0.44 -2.15 13.65
CA GLN B 9 -0.95 -1.00 14.39
C GLN B 9 -2.45 -1.15 14.58
N VAL B 10 -2.92 -0.82 15.77
CA VAL B 10 -4.34 -0.88 16.12
C VAL B 10 -4.75 0.50 16.62
N TYR B 11 -5.82 1.04 16.05
CA TYR B 11 -6.14 2.47 16.25
C TYR B 11 -7.54 2.77 15.77
N SER B 12 -8.02 3.99 16.05
CA SER B 12 -9.36 4.33 15.61
C SER B 12 -9.35 5.28 14.42
N ARG B 13 -10.39 5.24 13.62
CA ARG B 13 -10.48 6.17 12.48
C ARG B 13 -10.53 7.63 12.95
N HIS B 14 -11.39 7.88 13.93
CA HIS B 14 -11.62 9.22 14.48
C HIS B 14 -11.12 9.21 15.93
N PRO B 15 -10.78 10.40 16.49
CA PRO B 15 -10.33 10.39 17.90
C PRO B 15 -11.42 9.75 18.79
N ALA B 16 -11.00 8.93 19.76
CA ALA B 16 -11.96 8.12 20.50
C ALA B 16 -12.71 8.92 21.56
N GLU B 17 -14.04 8.80 21.54
CA GLU B 17 -14.89 9.39 22.58
C GLU B 17 -15.93 8.34 23.01
N ASN B 18 -15.94 8.03 24.30
CA ASN B 18 -16.80 6.97 24.85
C ASN B 18 -18.26 7.18 24.52
N GLY B 19 -18.93 6.11 24.10
CA GLY B 19 -20.33 6.17 23.74
C GLY B 19 -20.58 6.71 22.34
N LYS B 20 -19.53 7.04 21.60
CA LYS B 20 -19.70 7.50 20.22
C LYS B 20 -19.15 6.51 19.19
N SER B 21 -20.00 6.13 18.24
CA SER B 21 -19.67 5.21 17.17
C SER B 21 -18.43 5.67 16.39
N ASN B 22 -17.61 4.73 15.95
CA ASN B 22 -16.28 5.02 15.39
C ASN B 22 -15.90 3.78 14.59
N PHE B 23 -14.67 3.72 14.06
CA PHE B 23 -14.19 2.54 13.40
C PHE B 23 -12.90 2.09 14.06
N LEU B 24 -12.80 0.78 14.32
CA LEU B 24 -11.58 0.19 14.87
C LEU B 24 -10.76 -0.38 13.70
N ASN B 25 -9.51 0.05 13.59
CA ASN B 25 -8.59 -0.34 12.53
C ASN B 25 -7.45 -1.22 13.02
N CYS B 26 -7.09 -2.20 12.22
CA CYS B 26 -5.83 -2.91 12.39
C CYS B 26 -5.13 -2.90 11.04
N TYR B 27 -3.98 -2.23 11.01
CA TYR B 27 -3.18 -2.10 9.80
C TYR B 27 -1.96 -3.01 9.93
N VAL B 28 -1.87 -3.97 9.00
CA VAL B 28 -0.70 -4.86 8.92
C VAL B 28 0.08 -4.53 7.68
N SER B 29 1.38 -4.43 7.81
CA SER B 29 2.22 -3.98 6.69
C SER B 29 3.62 -4.55 6.81
N GLY B 30 4.41 -4.39 5.74
CA GLY B 30 5.79 -4.82 5.73
C GLY B 30 5.99 -6.32 5.74
N PHE B 31 4.96 -7.11 5.43
CA PHE B 31 5.12 -8.57 5.49
C PHE B 31 5.27 -9.26 4.12
N HIS B 32 5.84 -10.45 4.15
CA HIS B 32 5.99 -11.30 2.97
C HIS B 32 6.24 -12.74 3.48
N PRO B 33 5.54 -13.73 2.91
CA PRO B 33 4.56 -13.71 1.83
C PRO B 33 3.22 -13.14 2.28
N SER B 34 2.21 -13.20 1.41
CA SER B 34 1.04 -12.39 1.59
C SER B 34 -0.03 -13.05 2.46
N ASP B 35 -0.01 -14.37 2.63
CA ASP B 35 -1.02 -14.98 3.48
C ASP B 35 -0.88 -14.45 4.92
N ILE B 36 -2.00 -14.06 5.51
CA ILE B 36 -2.00 -13.51 6.86
C ILE B 36 -3.40 -13.68 7.43
N GLU B 37 -3.47 -13.85 8.75
CA GLU B 37 -4.74 -14.03 9.47
C GLU B 37 -4.88 -12.87 10.43
N VAL B 38 -5.96 -12.11 10.32
CA VAL B 38 -6.16 -10.96 11.21
C VAL B 38 -7.56 -11.00 11.79
N ASP B 39 -7.66 -10.97 13.12
CA ASP B 39 -8.96 -10.78 13.77
C ASP B 39 -8.94 -9.54 14.67
N LEU B 40 -10.11 -8.90 14.77
CA LEU B 40 -10.33 -7.84 15.75
C LEU B 40 -11.08 -8.47 16.92
N LEU B 41 -10.68 -8.09 18.12
CA LEU B 41 -11.21 -8.68 19.35
C LEU B 41 -11.87 -7.63 20.26
N LYS B 42 -13.01 -8.01 20.84
CA LYS B 42 -13.67 -7.22 21.89
C LYS B 42 -13.68 -8.10 23.13
N ASN B 43 -13.03 -7.62 24.18
CA ASN B 43 -12.78 -8.38 25.42
C ASN B 43 -12.39 -9.84 25.17
N GLY B 44 -11.46 -10.03 24.26
CA GLY B 44 -10.88 -11.34 23.97
C GLY B 44 -11.60 -12.20 22.95
N GLU B 45 -12.79 -11.76 22.53
N GLU B 45 -12.81 -11.80 22.55
CA GLU B 45 -13.63 -12.52 21.61
CA GLU B 45 -13.58 -12.60 21.60
C GLU B 45 -13.58 -11.93 20.21
C GLU B 45 -13.65 -11.95 20.21
N ARG B 46 -13.55 -12.80 19.19
CA ARG B 46 -13.51 -12.40 17.79
C ARG B 46 -14.78 -11.69 17.32
N ILE B 47 -14.61 -10.49 16.76
CA ILE B 47 -15.73 -9.72 16.20
C ILE B 47 -16.12 -10.24 14.82
N GLU B 48 -17.42 -10.38 14.55
CA GLU B 48 -17.90 -10.83 13.24
C GLU B 48 -18.03 -9.67 12.25
N LYS B 49 -18.04 -10.01 10.97
CA LYS B 49 -18.38 -9.05 9.91
C LYS B 49 -17.31 -7.96 9.69
N VAL B 50 -16.09 -8.24 10.16
CA VAL B 50 -14.92 -7.37 9.97
C VAL B 50 -14.57 -7.33 8.46
N GLU B 51 -14.29 -6.14 7.95
CA GLU B 51 -13.95 -5.99 6.54
C GLU B 51 -12.46 -5.71 6.37
N HIS B 52 -11.97 -5.88 5.14
CA HIS B 52 -10.57 -5.59 4.86
C HIS B 52 -10.36 -5.04 3.45
N SER B 53 -9.25 -4.35 3.28
CA SER B 53 -8.88 -3.80 1.98
C SER B 53 -8.34 -4.89 1.03
N ASP B 54 -8.24 -4.52 -0.26
CA ASP B 54 -7.70 -5.41 -1.29
C ASP B 54 -6.19 -5.50 -1.16
N LEU B 55 -5.63 -6.66 -1.46
CA LEU B 55 -4.19 -6.90 -1.27
C LEU B 55 -3.39 -5.95 -2.16
N SER B 56 -2.49 -5.18 -1.55
CA SER B 56 -1.56 -4.37 -2.32
C SER B 56 -0.18 -4.46 -1.70
N PHE B 57 0.80 -3.80 -2.30
CA PHE B 57 2.16 -3.84 -1.73
C PHE B 57 2.90 -2.56 -1.95
N SER B 58 3.93 -2.38 -1.13
CA SER B 58 4.73 -1.17 -1.12
C SER B 58 5.89 -1.29 -2.10
N LYS B 59 6.64 -0.20 -2.26
CA LYS B 59 7.76 -0.19 -3.23
C LYS B 59 8.85 -1.23 -2.93
N ASP B 60 8.97 -1.64 -1.67
CA ASP B 60 9.89 -2.72 -1.30
C ASP B 60 9.30 -4.12 -1.46
N TRP B 61 8.14 -4.21 -2.13
CA TRP B 61 7.43 -5.50 -2.37
C TRP B 61 6.66 -6.07 -1.17
N SER B 62 6.77 -5.45 -0.01
CA SER B 62 6.05 -5.97 1.15
C SER B 62 4.57 -5.59 1.10
N PHE B 63 3.72 -6.50 1.57
CA PHE B 63 2.26 -6.38 1.49
C PHE B 63 1.69 -5.56 2.64
N TYR B 64 0.53 -4.95 2.38
CA TYR B 64 -0.20 -4.29 3.48
C TYR B 64 -1.70 -4.47 3.31
N LEU B 65 -2.40 -4.47 4.43
CA LEU B 65 -3.83 -4.64 4.48
C LEU B 65 -4.39 -3.86 5.67
N LEU B 66 -5.57 -3.29 5.47
CA LEU B 66 -6.32 -2.68 6.53
C LEU B 66 -7.57 -3.52 6.84
N TYR B 67 -7.72 -3.89 8.11
CA TYR B 67 -8.92 -4.58 8.62
C TYR B 67 -9.67 -3.60 9.50
N TYR B 68 -11.00 -3.57 9.39
CA TYR B 68 -11.80 -2.53 10.07
C TYR B 68 -13.19 -3.00 10.40
N THR B 69 -13.71 -2.44 11.48
CA THR B 69 -15.10 -2.65 11.88
C THR B 69 -15.63 -1.45 12.66
N GLU B 70 -16.92 -1.18 12.52
CA GLU B 70 -17.61 -0.23 13.40
C GLU B 70 -17.53 -0.70 14.86
N PHE B 71 -17.26 0.24 15.76
CA PHE B 71 -17.31 -0.04 17.21
C PHE B 71 -17.64 1.21 17.99
N THR B 72 -18.21 1.02 19.18
CA THR B 72 -18.41 2.12 20.11
C THR B 72 -17.53 1.93 21.33
N PRO B 73 -16.45 2.73 21.43
CA PRO B 73 -15.56 2.60 22.57
C PRO B 73 -16.30 2.99 23.86
N THR B 74 -15.93 2.36 24.96
CA THR B 74 -16.50 2.64 26.29
C THR B 74 -15.33 2.70 27.25
N GLU B 75 -15.58 3.12 28.49
CA GLU B 75 -14.49 3.23 29.46
C GLU B 75 -13.76 1.90 29.63
N LYS B 76 -14.50 0.81 29.78
CA LYS B 76 -13.87 -0.44 30.23
C LYS B 76 -13.84 -1.63 29.24
N ASP B 77 -14.49 -1.49 28.08
CA ASP B 77 -14.34 -2.49 27.01
C ASP B 77 -12.93 -2.45 26.40
N GLU B 78 -12.36 -3.63 26.20
CA GLU B 78 -10.98 -3.75 25.73
C GLU B 78 -11.01 -4.23 24.29
N TYR B 79 -10.29 -3.53 23.43
CA TYR B 79 -10.18 -3.92 22.02
C TYR B 79 -8.75 -4.32 21.68
N ALA B 80 -8.60 -5.19 20.68
CA ALA B 80 -7.27 -5.73 20.32
C ALA B 80 -7.28 -6.23 18.88
N CYS B 81 -6.08 -6.49 18.32
CA CYS B 81 -5.93 -7.10 17.01
C CYS B 81 -5.15 -8.40 17.21
N ARG B 82 -5.59 -9.50 16.59
CA ARG B 82 -4.82 -10.75 16.70
C ARG B 82 -4.33 -11.13 15.32
N VAL B 83 -3.01 -11.24 15.18
CA VAL B 83 -2.38 -11.48 13.87
C VAL B 83 -1.57 -12.77 13.84
N ASN B 84 -1.82 -13.61 12.83
CA ASN B 84 -0.92 -14.75 12.57
C ASN B 84 -0.34 -14.72 11.15
N HIS B 85 0.90 -15.16 11.03
CA HIS B 85 1.65 -15.14 9.77
C HIS B 85 2.65 -16.30 9.83
N VAL B 86 3.16 -16.73 8.67
CA VAL B 86 4.16 -17.82 8.67
C VAL B 86 5.37 -17.48 9.58
N THR B 87 5.75 -16.21 9.63
CA THR B 87 6.93 -15.78 10.42
C THR B 87 6.72 -15.82 11.94
N LEU B 88 5.47 -15.96 12.39
CA LEU B 88 5.16 -15.92 13.82
C LEU B 88 4.89 -17.34 14.39
N SER B 89 5.54 -17.68 15.51
CA SER B 89 5.32 -19.00 16.16
C SER B 89 3.89 -19.14 16.67
N GLN B 90 3.38 -18.07 17.29
N GLN B 90 3.38 -18.06 17.26
CA GLN B 90 2.01 -18.04 17.77
CA GLN B 90 2.02 -18.03 17.80
C GLN B 90 1.42 -16.69 17.41
C GLN B 90 1.42 -16.67 17.45
N PRO B 91 0.07 -16.58 17.34
CA PRO B 91 -0.53 -15.29 17.00
C PRO B 91 -0.11 -14.18 17.96
N LYS B 92 0.06 -12.97 17.43
CA LYS B 92 0.45 -11.83 18.23
C LYS B 92 -0.77 -10.96 18.50
N ILE B 93 -0.95 -10.60 19.77
CA ILE B 93 -2.08 -9.76 20.11
C ILE B 93 -1.55 -8.36 20.42
N VAL B 94 -2.07 -7.37 19.71
CA VAL B 94 -1.73 -5.99 20.03
C VAL B 94 -2.99 -5.31 20.52
N LYS B 95 -2.89 -4.67 21.68
CA LYS B 95 -4.05 -4.07 22.32
C LYS B 95 -4.30 -2.66 21.76
N TRP B 96 -5.57 -2.28 21.68
CA TRP B 96 -5.91 -0.92 21.31
C TRP B 96 -5.68 0.07 22.46
N ASP B 97 -4.88 1.08 22.16
CA ASP B 97 -4.57 2.18 23.07
C ASP B 97 -4.95 3.49 22.39
N ARG B 98 -5.88 4.21 23.00
CA ARG B 98 -6.35 5.52 22.55
C ARG B 98 -5.28 6.53 22.17
N ASP B 99 -4.12 6.45 22.83
CA ASP B 99 -3.05 7.44 22.69
C ASP B 99 -1.92 6.94 21.81
N MET B 100 -2.23 5.96 20.95
CA MET B 100 -1.26 5.32 20.05
C MET B 100 -1.83 5.07 18.64
N LEU C 1 -6.29 2.84 -16.92
CA LEU C 1 -6.40 1.65 -17.85
C LEU C 1 -5.10 0.85 -17.85
N PRO C 2 -5.18 -0.48 -17.63
CA PRO C 2 -3.99 -1.32 -17.59
C PRO C 2 -3.33 -1.55 -18.96
N PHE C 3 -2.08 -1.95 -18.93
CA PHE C 3 -1.35 -2.41 -20.12
C PHE C 3 -1.98 -3.70 -20.68
N ASP C 4 -2.11 -3.77 -22.00
CA ASP C 4 -2.97 -4.79 -22.60
C ASP C 4 -2.23 -6.02 -23.12
N LYS C 5 -0.90 -5.97 -23.18
CA LYS C 5 -0.18 -7.14 -23.68
C LYS C 5 0.32 -7.95 -22.50
N THR C 6 0.15 -9.25 -22.60
CA THR C 6 0.58 -10.17 -21.58
C THR C 6 1.82 -10.80 -22.21
N THR C 7 2.87 -11.08 -21.45
CA THR C 7 3.88 -11.99 -22.01
C THR C 7 4.45 -12.89 -20.94
N ILE C 8 4.33 -14.19 -21.20
CA ILE C 8 4.88 -15.24 -20.35
C ILE C 8 6.35 -14.99 -20.09
N MET C 9 6.73 -15.08 -18.82
CA MET C 9 8.09 -14.82 -18.38
C MET C 9 8.95 -16.08 -18.60
#